data_3USD
#
_entry.id   3USD
#
_cell.length_a   61.434
_cell.length_b   50.469
_cell.length_c   64.550
_cell.angle_alpha   90.00
_cell.angle_beta   105.82
_cell.angle_gamma   90.00
#
_symmetry.space_group_name_H-M   'P 1 21 1'
#
loop_
_entity.id
_entity.type
_entity.pdbx_description
1 polymer Lactotransferrin
2 polymer 'C-terminal peptide of Lactotransferrin'
3 branched beta-D-mannopyranose-(1-4)-2-acetamido-2-deoxy-beta-D-glucopyranose-(1-4)-2-acetamido-2-deoxy-beta-D-glucopyranose
4 branched 2-acetamido-2-deoxy-beta-D-glucopyranose-(1-4)-2-acetamido-2-deoxy-beta-D-glucopyranose
5 non-polymer 'ZINC ION'
6 non-polymer 'FE (III) ION'
7 non-polymer 'CARBONATE ION'
8 non-polymer 'SULFATE ION'
9 non-polymer 2-acetamido-2-deoxy-beta-D-glucopyranose
10 non-polymer 'imidazo[1,2-a]pyridin-3-ylacetic acid'
11 water water
#
loop_
_entity_poly.entity_id
_entity_poly.type
_entity_poly.pdbx_seq_one_letter_code
_entity_poly.pdbx_strand_id
1 'polypeptide(L)'
;YTRVVWCAVGPEEQKKCQQWSQQSGQNVTCATASTTDDCIVLVLKGEADALNLDGGYIYTAGKCGLVPVLAENRKSSKHS
SLDCVLRPTEGYLAVAVVKKANEGLTWNSLKDKKSCHTAVDRTAGWNIPMGLIVNQTGSCAFDEFFSQSCAPGADPKSRL
CALCAGDDQGLDKCVPNSKEKYYGYTGAFRCLAEDVGDVAFVKNDTVWENTNGESTADWAKNLKREDFRLLCLDGTRKPV
TEAQSCHLAVAPNHAVVSRSDRAAHVEQVLLHQQALFGKNGKNCPDKFCLFKSETKNLLFNDNTECLAKLGGRPTYEEYL
GTEYVTAIANLKKCS
;
A
2 'polypeptide(L)' LEACAF B
#
# COMPACT_ATOMS: atom_id res chain seq x y z
N TYR A 1 -5.55 -28.61 14.38
CA TYR A 1 -6.08 -28.32 13.02
C TYR A 1 -6.12 -26.80 12.86
N THR A 2 -4.98 -26.13 12.66
CA THR A 2 -5.02 -24.68 12.51
C THR A 2 -4.63 -24.24 11.09
N ARG A 3 -5.54 -24.45 10.14
CA ARG A 3 -5.35 -24.08 8.73
C ARG A 3 -5.79 -22.62 8.50
N VAL A 4 -4.88 -21.82 7.95
CA VAL A 4 -5.18 -20.41 7.72
C VAL A 4 -5.53 -19.99 6.28
N VAL A 5 -6.72 -19.44 6.11
CA VAL A 5 -7.19 -19.03 4.80
C VAL A 5 -6.81 -17.58 4.49
N TRP A 6 -5.93 -17.39 3.51
CA TRP A 6 -5.50 -16.06 3.13
C TRP A 6 -6.37 -15.48 2.01
N CYS A 7 -6.47 -14.16 1.93
CA CYS A 7 -7.26 -13.51 0.89
C CYS A 7 -6.42 -12.81 -0.16
N ALA A 8 -6.46 -13.33 -1.37
CA ALA A 8 -5.67 -12.75 -2.43
C ALA A 8 -6.52 -11.72 -3.20
N VAL A 9 -5.93 -10.57 -3.48
CA VAL A 9 -6.62 -9.51 -4.23
C VAL A 9 -6.17 -9.52 -5.70
N GLY A 10 -7.01 -10.00 -6.62
CA GLY A 10 -6.64 -10.02 -8.02
C GLY A 10 -6.01 -11.35 -8.38
N PRO A 11 -6.05 -11.76 -9.66
CA PRO A 11 -5.50 -13.01 -10.19
C PRO A 11 -4.02 -13.21 -9.97
N GLU A 12 -3.29 -12.11 -9.87
CA GLU A 12 -1.85 -12.21 -9.69
C GLU A 12 -1.50 -12.55 -8.26
N GLU A 13 -2.25 -12.01 -7.31
CA GLU A 13 -2.01 -12.33 -5.92
C GLU A 13 -2.52 -13.73 -5.66
N GLN A 14 -3.59 -14.12 -6.36
CA GLN A 14 -4.18 -15.45 -6.22
C GLN A 14 -3.11 -16.47 -6.61
N LYS A 15 -2.44 -16.17 -7.72
CA LYS A 15 -1.38 -17.01 -8.27
C LYS A 15 -0.28 -17.25 -7.25
N LYS A 16 0.27 -16.16 -6.73
CA LYS A 16 1.32 -16.18 -5.73
C LYS A 16 0.86 -16.87 -4.47
N CYS A 17 -0.38 -16.60 -4.08
CA CYS A 17 -0.94 -17.19 -2.88
C CYS A 17 -1.05 -18.70 -3.02
N GLN A 18 -1.46 -19.19 -4.18
CA GLN A 18 -1.59 -20.64 -4.38
C GLN A 18 -0.25 -21.37 -4.30
N GLN A 19 0.81 -20.68 -4.71
CA GLN A 19 2.15 -21.23 -4.64
C GLN A 19 2.54 -21.31 -3.17
N TRP A 20 2.13 -20.29 -2.43
CA TRP A 20 2.40 -20.23 -1.00
C TRP A 20 1.63 -21.32 -0.29
N SER A 21 0.37 -21.52 -0.68
CA SER A 21 -0.46 -22.58 -0.09
C SER A 21 0.25 -23.90 -0.33
N GLN A 22 0.59 -24.15 -1.58
CA GLN A 22 1.28 -25.37 -1.99
C GLN A 22 2.51 -25.64 -1.16
N GLN A 23 3.35 -24.63 -1.02
CA GLN A 23 4.60 -24.72 -0.28
C GLN A 23 4.39 -24.82 1.22
N SER A 24 3.22 -24.41 1.69
CA SER A 24 2.93 -24.47 3.11
C SER A 24 2.27 -25.77 3.54
N GLY A 25 2.10 -26.71 2.61
CA GLY A 25 1.47 -27.97 2.97
C GLY A 25 0.02 -27.74 3.28
N GLN A 26 -0.46 -26.63 2.74
CA GLN A 26 -1.84 -26.17 2.86
C GLN A 26 -2.20 -25.70 4.25
N ASN A 27 -1.19 -25.35 5.05
CA ASN A 27 -1.44 -24.76 6.36
C ASN A 27 -2.00 -23.38 6.11
N VAL A 28 -1.80 -22.92 4.87
CA VAL A 28 -2.30 -21.69 4.39
C VAL A 28 -2.93 -21.99 3.04
N THR A 29 -4.20 -21.63 2.92
CA THR A 29 -4.91 -21.84 1.67
C THR A 29 -5.36 -20.49 1.12
N CYS A 30 -5.93 -20.48 -0.09
CA CYS A 30 -6.31 -19.20 -0.65
C CYS A 30 -7.75 -18.98 -1.10
N ALA A 31 -8.27 -17.82 -0.73
CA ALA A 31 -9.58 -17.35 -1.11
C ALA A 31 -9.21 -16.14 -1.95
N THR A 32 -9.98 -15.82 -2.99
CA THR A 32 -9.61 -14.67 -3.80
C THR A 32 -10.81 -13.77 -4.09
N ALA A 33 -10.54 -12.47 -4.19
CA ALA A 33 -11.54 -11.44 -4.46
C ALA A 33 -10.97 -10.36 -5.40
N SER A 34 -11.83 -9.61 -6.08
CA SER A 34 -11.35 -8.58 -7.00
C SER A 34 -10.80 -7.30 -6.35
N THR A 35 -11.30 -6.96 -5.16
CA THR A 35 -10.80 -5.77 -4.47
C THR A 35 -10.49 -6.09 -3.02
N THR A 36 -9.72 -5.18 -2.40
CA THR A 36 -9.30 -5.29 -0.99
C THR A 36 -10.50 -5.24 -0.06
N ASP A 37 -11.51 -4.49 -0.45
CA ASP A 37 -12.73 -4.42 0.35
C ASP A 37 -13.48 -5.74 0.30
N ASP A 38 -13.49 -6.37 -0.87
CA ASP A 38 -14.14 -7.67 -1.06
C ASP A 38 -13.49 -8.66 -0.11
N CYS A 39 -12.17 -8.58 -0.04
CA CYS A 39 -11.35 -9.42 0.81
C CYS A 39 -11.68 -9.27 2.27
N ILE A 40 -11.96 -8.03 2.64
CA ILE A 40 -12.34 -7.69 3.99
C ILE A 40 -13.71 -8.26 4.28
N VAL A 41 -14.56 -8.29 3.26
CA VAL A 41 -15.90 -8.85 3.42
C VAL A 41 -15.82 -10.33 3.67
N LEU A 42 -15.02 -11.00 2.84
CA LEU A 42 -14.81 -12.44 2.95
C LEU A 42 -14.35 -12.81 4.35
N VAL A 43 -13.46 -12.00 4.93
CA VAL A 43 -12.94 -12.24 6.29
C VAL A 43 -13.99 -12.02 7.36
N LEU A 44 -14.94 -11.16 7.07
CA LEU A 44 -16.01 -10.88 8.02
C LEU A 44 -17.02 -11.99 8.09
N LYS A 45 -17.13 -12.67 6.95
CA LYS A 45 -18.01 -13.80 6.76
C LYS A 45 -17.31 -15.07 7.23
N GLY A 46 -15.99 -15.00 7.39
CA GLY A 46 -15.19 -16.14 7.83
C GLY A 46 -14.87 -17.07 6.69
N GLU A 47 -14.99 -16.57 5.47
CA GLU A 47 -14.69 -17.37 4.29
C GLU A 47 -13.21 -17.23 3.99
N ALA A 48 -12.57 -16.39 4.81
CA ALA A 48 -11.16 -16.08 4.75
C ALA A 48 -10.71 -15.70 6.16
N ASP A 49 -9.44 -15.92 6.50
CA ASP A 49 -8.93 -15.56 7.84
C ASP A 49 -8.18 -14.27 7.91
N ALA A 50 -7.33 -13.99 6.93
CA ALA A 50 -6.59 -12.74 6.97
C ALA A 50 -6.02 -12.27 5.64
N LEU A 51 -5.32 -11.15 5.75
CA LEU A 51 -4.65 -10.52 4.62
C LEU A 51 -3.88 -9.29 5.06
N ASN A 52 -2.85 -8.95 4.30
CA ASN A 52 -2.04 -7.80 4.63
C ASN A 52 -2.66 -6.49 4.15
N LEU A 53 -2.74 -5.48 5.02
CA LEU A 53 -3.35 -4.22 4.60
C LEU A 53 -2.63 -2.90 4.82
N ASP A 54 -2.86 -1.99 3.87
CA ASP A 54 -2.36 -0.63 3.96
C ASP A 54 -3.17 0.02 5.10
N GLY A 55 -2.56 0.98 5.76
CA GLY A 55 -3.23 1.65 6.86
C GLY A 55 -4.64 2.10 6.53
N GLY A 56 -4.85 2.59 5.32
CA GLY A 56 -6.17 3.06 4.93
C GLY A 56 -7.23 1.96 4.97
N TYR A 57 -6.83 0.74 4.62
CA TYR A 57 -7.73 -0.40 4.64
C TYR A 57 -7.83 -0.93 6.09
N ILE A 58 -6.77 -0.75 6.86
CA ILE A 58 -6.76 -1.22 8.26
C ILE A 58 -7.91 -0.53 8.98
N TYR A 59 -8.14 0.70 8.54
CA TYR A 59 -9.19 1.56 9.03
C TYR A 59 -10.57 1.01 8.67
N THR A 60 -10.74 0.51 7.44
CA THR A 60 -12.01 -0.05 7.01
C THR A 60 -12.27 -1.31 7.80
N ALA A 61 -11.29 -2.21 7.75
CA ALA A 61 -11.33 -3.47 8.46
C ALA A 61 -11.57 -3.27 9.96
N GLY A 62 -10.88 -2.27 10.54
CA GLY A 62 -10.99 -2.00 11.97
C GLY A 62 -12.36 -1.57 12.48
N LYS A 63 -13.05 -0.81 11.64
CA LYS A 63 -14.40 -0.34 11.93
C LYS A 63 -15.34 -1.54 11.86
N CYS A 64 -14.94 -2.56 11.14
CA CYS A 64 -15.77 -3.74 10.98
C CYS A 64 -15.48 -4.77 12.06
N GLY A 65 -14.51 -4.43 12.90
CA GLY A 65 -14.11 -5.26 14.03
C GLY A 65 -12.86 -6.09 13.92
N LEU A 66 -12.21 -6.07 12.75
CA LEU A 66 -11.01 -6.87 12.56
C LEU A 66 -9.86 -6.24 13.31
N VAL A 67 -8.89 -7.06 13.72
CA VAL A 67 -7.77 -6.52 14.47
C VAL A 67 -6.38 -6.75 13.87
N PRO A 68 -5.44 -5.84 14.14
CA PRO A 68 -4.08 -5.99 13.63
C PRO A 68 -3.44 -7.17 14.38
N VAL A 69 -2.68 -8.00 13.65
CA VAL A 69 -2.06 -9.19 14.18
C VAL A 69 -0.54 -9.07 14.22
N LEU A 70 0.02 -8.62 13.11
CA LEU A 70 1.47 -8.45 12.98
C LEU A 70 1.66 -7.33 11.98
N ALA A 71 2.75 -6.57 12.10
CA ALA A 71 2.98 -5.49 11.15
C ALA A 71 4.24 -5.68 10.29
N GLU A 72 4.20 -5.14 9.08
CA GLU A 72 5.33 -5.21 8.17
C GLU A 72 6.49 -4.40 8.75
N ASN A 73 7.67 -4.99 8.76
CA ASN A 73 8.84 -4.31 9.27
C ASN A 73 9.92 -4.47 8.20
N ARG A 74 10.37 -3.35 7.65
CA ARG A 74 11.40 -3.42 6.63
C ARG A 74 12.75 -3.15 7.28
N LYS A 75 13.80 -3.10 6.47
CA LYS A 75 15.13 -2.80 6.96
C LYS A 75 15.18 -1.53 7.85
N SER A 76 15.82 -1.62 8.98
CA SER A 76 15.96 -0.48 9.87
C SER A 76 17.40 -0.13 10.22
N SER A 77 17.55 0.95 10.99
CA SER A 77 18.86 1.41 11.44
C SER A 77 18.96 1.17 12.94
N LYS A 78 18.30 2.01 13.71
CA LYS A 78 18.30 1.85 15.16
C LYS A 78 17.42 0.65 15.53
N HIS A 79 17.58 0.15 16.76
CA HIS A 79 16.82 -1.00 17.20
C HIS A 79 17.29 -2.30 16.55
N SER A 80 18.13 -2.18 15.52
CA SER A 80 18.63 -3.33 14.76
C SER A 80 19.34 -4.44 15.52
N SER A 81 19.69 -4.28 16.79
CA SER A 81 20.34 -5.44 17.44
C SER A 81 19.26 -6.43 17.84
N LEU A 82 18.07 -5.88 18.03
CA LEU A 82 16.90 -6.64 18.39
C LEU A 82 16.37 -7.40 17.18
N ASP A 83 15.73 -8.53 17.44
CA ASP A 83 15.16 -9.33 16.37
C ASP A 83 14.09 -8.52 15.62
N CYS A 84 14.01 -8.73 14.31
CA CYS A 84 13.06 -8.00 13.50
C CYS A 84 11.62 -8.17 13.97
N VAL A 85 11.30 -9.35 14.49
CA VAL A 85 9.97 -9.66 14.96
C VAL A 85 9.66 -8.97 16.29
N LEU A 86 10.70 -8.50 16.97
CA LEU A 86 10.52 -7.82 18.25
C LEU A 86 10.76 -6.32 18.16
N ARG A 87 11.19 -5.86 17.00
CA ARG A 87 11.45 -4.45 16.78
C ARG A 87 10.20 -3.58 16.57
N PRO A 88 10.23 -2.34 17.07
CA PRO A 88 9.07 -1.48 16.87
C PRO A 88 9.04 -1.05 15.40
N THR A 89 7.91 -1.12 14.78
CA THR A 89 7.84 -0.62 13.44
C THR A 89 8.03 0.91 13.41
N GLU A 90 8.68 1.41 12.37
CA GLU A 90 8.93 2.85 12.36
C GLU A 90 8.10 3.66 11.36
N GLY A 91 7.14 3.02 10.71
CA GLY A 91 6.30 3.74 9.76
C GLY A 91 7.05 4.15 8.51
N TYR A 92 6.32 4.53 7.46
CA TYR A 92 6.97 4.93 6.22
C TYR A 92 6.64 6.36 5.80
N LEU A 93 7.41 6.90 4.86
CA LEU A 93 7.20 8.28 4.44
C LEU A 93 6.30 8.43 3.22
N ALA A 94 5.15 9.06 3.39
CA ALA A 94 4.25 9.32 2.28
C ALA A 94 4.80 10.55 1.56
N VAL A 95 4.99 10.46 0.24
CA VAL A 95 5.54 11.60 -0.51
C VAL A 95 4.81 11.91 -1.83
N ALA A 96 5.05 13.11 -2.36
CA ALA A 96 4.47 13.54 -3.63
C ALA A 96 5.61 13.62 -4.62
N VAL A 97 5.59 12.83 -5.69
CA VAL A 97 6.70 12.83 -6.65
C VAL A 97 6.37 13.35 -8.04
N VAL A 98 7.31 14.06 -8.64
CA VAL A 98 7.12 14.61 -9.98
C VAL A 98 8.42 14.56 -10.78
N LYS A 99 8.33 14.81 -12.08
CA LYS A 99 9.51 14.80 -12.94
C LYS A 99 10.26 16.11 -12.71
N LYS A 100 11.57 16.03 -12.59
CA LYS A 100 12.37 17.23 -12.39
C LYS A 100 12.13 18.21 -13.56
N ALA A 101 12.17 17.67 -14.77
CA ALA A 101 11.97 18.43 -16.01
C ALA A 101 10.65 19.19 -16.07
N ASN A 102 9.72 18.80 -15.20
CA ASN A 102 8.42 19.48 -15.12
C ASN A 102 8.62 20.64 -14.15
N GLU A 103 9.56 21.50 -14.51
CA GLU A 103 9.92 22.66 -13.69
C GLU A 103 8.75 23.54 -13.34
N GLY A 104 8.83 24.13 -12.15
CA GLY A 104 7.80 25.00 -11.64
C GLY A 104 6.55 24.30 -11.12
N LEU A 105 6.63 22.98 -10.97
CA LEU A 105 5.53 22.22 -10.41
C LEU A 105 5.83 22.02 -8.92
N THR A 106 4.94 22.54 -8.09
CA THR A 106 5.12 22.44 -6.66
C THR A 106 3.81 22.01 -6.05
N TRP A 107 3.84 21.73 -4.76
CA TRP A 107 2.64 21.35 -4.05
C TRP A 107 1.58 22.41 -4.33
N ASN A 108 2.01 23.67 -4.33
CA ASN A 108 1.11 24.80 -4.52
C ASN A 108 0.60 25.09 -5.93
N SER A 109 0.88 24.21 -6.88
CA SER A 109 0.40 24.36 -8.26
C SER A 109 -0.08 23.02 -8.84
N LEU A 110 -0.58 22.16 -7.95
CA LEU A 110 -1.05 20.85 -8.37
C LEU A 110 -2.42 20.91 -9.03
N LYS A 111 -3.18 21.98 -8.78
CA LYS A 111 -4.51 22.10 -9.36
C LYS A 111 -4.55 21.93 -10.89
N ASP A 112 -5.46 21.07 -11.37
CA ASP A 112 -5.62 20.81 -12.80
C ASP A 112 -4.47 20.10 -13.49
N LYS A 113 -3.62 19.47 -12.72
CA LYS A 113 -2.62 18.60 -13.21
C LYS A 113 -3.11 17.17 -13.27
N LYS A 114 -2.30 16.29 -13.77
CA LYS A 114 -2.61 14.90 -13.83
C LYS A 114 -1.99 14.16 -12.70
N SER A 115 -2.79 13.39 -12.00
CA SER A 115 -2.24 12.65 -10.87
C SER A 115 -2.34 11.15 -10.99
N CYS A 116 -1.46 10.49 -10.23
CA CYS A 116 -1.40 9.05 -10.20
C CYS A 116 -1.44 8.63 -8.73
N HIS A 117 -2.45 7.83 -8.38
CA HIS A 117 -2.62 7.36 -7.00
C HIS A 117 -2.46 5.85 -6.94
N THR A 118 -2.00 5.36 -5.80
CA THR A 118 -1.84 3.92 -5.63
C THR A 118 -3.24 3.36 -5.84
N ALA A 119 -4.19 3.93 -5.10
CA ALA A 119 -5.60 3.52 -5.17
C ALA A 119 -6.43 4.33 -4.19
N VAL A 120 -7.72 4.47 -4.46
CA VAL A 120 -8.64 5.16 -3.54
C VAL A 120 -8.55 4.47 -2.17
N ASP A 121 -8.64 5.24 -1.08
CA ASP A 121 -8.59 4.67 0.29
C ASP A 121 -7.22 4.30 0.88
N ARG A 122 -6.16 4.32 0.08
CA ARG A 122 -4.86 3.98 0.63
C ARG A 122 -4.15 5.19 1.28
N THR A 123 -3.30 4.92 2.26
CA THR A 123 -2.61 5.95 3.01
C THR A 123 -1.76 6.97 2.22
N ALA A 124 -0.66 6.54 1.61
CA ALA A 124 0.17 7.48 0.87
C ALA A 124 -0.46 7.91 -0.45
N GLY A 125 -1.11 6.97 -1.12
CA GLY A 125 -1.70 7.30 -2.39
C GLY A 125 -2.97 8.13 -2.34
N TRP A 126 -3.66 8.15 -1.21
CA TRP A 126 -4.92 8.85 -1.18
C TRP A 126 -5.32 9.61 0.09
N ASN A 127 -5.46 8.88 1.20
CA ASN A 127 -5.87 9.50 2.45
C ASN A 127 -5.01 10.69 2.82
N ILE A 128 -3.69 10.53 2.81
CA ILE A 128 -2.83 11.64 3.16
C ILE A 128 -2.88 12.82 2.18
N PRO A 129 -2.67 12.54 0.88
CA PRO A 129 -2.70 13.64 -0.09
C PRO A 129 -4.05 14.32 -0.30
N MET A 130 -5.10 13.56 -0.42
CA MET A 130 -6.47 14.06 -0.54
C MET A 130 -6.96 14.70 0.72
N GLY A 131 -6.53 14.18 1.82
CA GLY A 131 -6.90 14.73 3.11
C GLY A 131 -6.30 16.13 3.23
N LEU A 132 -5.06 16.24 2.81
CA LEU A 132 -4.31 17.48 2.86
C LEU A 132 -4.91 18.47 1.86
N ILE A 133 -5.14 18.01 0.64
CA ILE A 133 -5.72 18.87 -0.37
C ILE A 133 -7.13 19.32 -0.01
N VAL A 134 -7.97 18.41 0.46
CA VAL A 134 -9.33 18.81 0.80
C VAL A 134 -9.24 19.91 1.85
N ASN A 135 -8.41 19.67 2.86
CA ASN A 135 -8.25 20.61 3.96
C ASN A 135 -7.71 21.96 3.49
N GLN A 136 -6.67 21.94 2.66
CA GLN A 136 -6.06 23.15 2.19
C GLN A 136 -6.93 23.93 1.23
N THR A 137 -7.75 23.24 0.44
CA THR A 137 -8.62 23.94 -0.50
C THR A 137 -9.97 24.25 0.14
N GLY A 138 -10.20 23.69 1.31
CA GLY A 138 -11.46 23.90 1.98
C GLY A 138 -12.61 23.36 1.15
N SER A 139 -12.36 22.35 0.32
CA SER A 139 -13.42 21.77 -0.49
C SER A 139 -13.39 20.26 -0.60
N CYS A 140 -14.58 19.66 -0.59
CA CYS A 140 -14.71 18.20 -0.69
C CYS A 140 -14.74 17.63 -2.09
N ALA A 141 -14.72 18.52 -3.07
CA ALA A 141 -14.74 18.13 -4.48
C ALA A 141 -13.34 17.77 -4.94
N PHE A 142 -12.80 16.71 -4.34
CA PHE A 142 -11.47 16.23 -4.66
C PHE A 142 -11.42 15.50 -6.00
N ASP A 143 -12.59 15.18 -6.54
CA ASP A 143 -12.66 14.48 -7.81
C ASP A 143 -12.62 15.53 -8.91
N GLU A 144 -12.40 16.78 -8.51
CA GLU A 144 -12.33 17.88 -9.44
C GLU A 144 -11.07 18.73 -9.25
N PHE A 145 -10.15 18.24 -8.43
CA PHE A 145 -8.91 18.99 -8.19
C PHE A 145 -8.00 18.84 -9.41
N PHE A 146 -7.64 17.60 -9.70
CA PHE A 146 -6.79 17.29 -10.84
C PHE A 146 -7.67 17.18 -12.10
N SER A 147 -7.09 17.50 -13.25
CA SER A 147 -7.81 17.44 -14.53
C SER A 147 -8.10 15.99 -14.89
N GLN A 148 -7.16 15.10 -14.59
CA GLN A 148 -7.30 13.67 -14.86
C GLN A 148 -6.44 12.91 -13.86
N SER A 149 -6.78 11.65 -13.62
CA SER A 149 -6.03 10.85 -12.69
C SER A 149 -6.29 9.39 -12.96
N CYS A 150 -5.53 8.60 -12.24
CA CYS A 150 -5.68 7.18 -12.25
C CYS A 150 -5.65 6.92 -10.76
N ALA A 151 -6.84 6.70 -10.23
CA ALA A 151 -7.01 6.42 -8.81
C ALA A 151 -7.87 5.17 -8.76
N PRO A 152 -7.23 3.98 -8.87
CA PRO A 152 -7.89 2.68 -8.85
C PRO A 152 -8.95 2.61 -7.76
N GLY A 153 -10.15 2.20 -8.13
CA GLY A 153 -11.21 2.08 -7.16
C GLY A 153 -12.28 3.15 -7.31
N ALA A 154 -12.00 4.10 -8.18
CA ALA A 154 -12.95 5.15 -8.47
C ALA A 154 -13.81 4.78 -9.68
N ASP A 155 -14.82 5.58 -9.96
CA ASP A 155 -15.69 5.30 -11.08
C ASP A 155 -14.90 5.22 -12.40
N PRO A 156 -14.89 4.02 -13.04
CA PRO A 156 -14.17 3.87 -14.30
C PRO A 156 -14.41 4.92 -15.39
N LYS A 157 -15.59 5.54 -15.40
CA LYS A 157 -15.89 6.55 -16.42
C LYS A 157 -15.58 7.98 -15.95
N SER A 158 -15.21 8.13 -14.69
CA SER A 158 -14.92 9.45 -14.15
C SER A 158 -13.51 9.87 -14.51
N ARG A 159 -13.22 11.16 -14.36
CA ARG A 159 -11.90 11.68 -14.69
C ARG A 159 -10.84 11.17 -13.72
N LEU A 160 -11.26 10.62 -12.59
CA LEU A 160 -10.35 10.07 -11.60
C LEU A 160 -9.76 8.76 -12.10
N CYS A 161 -10.30 8.30 -13.23
CA CYS A 161 -9.92 7.04 -13.85
C CYS A 161 -9.40 7.15 -15.27
N ALA A 162 -9.55 8.34 -15.82
CA ALA A 162 -9.15 8.67 -17.18
C ALA A 162 -7.73 8.25 -17.56
N LEU A 163 -6.82 8.26 -16.59
CA LEU A 163 -5.44 7.89 -16.89
C LEU A 163 -5.09 6.42 -16.67
N CYS A 164 -5.99 5.71 -16.01
CA CYS A 164 -5.76 4.29 -15.78
C CYS A 164 -5.82 3.55 -17.14
N ALA A 165 -4.99 2.52 -17.31
CA ALA A 165 -4.94 1.78 -18.59
C ALA A 165 -5.57 0.37 -18.64
N GLY A 166 -6.04 -0.17 -17.51
CA GLY A 166 -6.62 -1.52 -17.54
C GLY A 166 -5.52 -2.56 -17.75
N ASP A 167 -5.86 -3.84 -17.98
CA ASP A 167 -4.85 -4.89 -18.16
C ASP A 167 -4.23 -4.85 -19.55
N ASP A 168 -3.30 -5.76 -19.85
CA ASP A 168 -2.66 -5.78 -21.17
C ASP A 168 -3.62 -6.00 -22.34
N GLN A 169 -4.87 -6.26 -22.07
CA GLN A 169 -5.83 -6.36 -23.15
C GLN A 169 -6.77 -5.23 -23.09
N GLY A 170 -6.46 -4.27 -22.25
CA GLY A 170 -7.24 -3.07 -22.05
C GLY A 170 -8.54 -3.25 -21.28
N LEU A 171 -8.74 -4.40 -20.65
CA LEU A 171 -9.93 -4.63 -19.87
C LEU A 171 -9.65 -4.21 -18.41
N ASP A 172 -10.65 -4.34 -17.54
CA ASP A 172 -10.48 -4.00 -16.12
C ASP A 172 -9.89 -2.65 -15.76
N LYS A 173 -10.02 -1.68 -16.65
CA LYS A 173 -9.53 -0.32 -16.41
C LYS A 173 -9.89 0.32 -15.05
N CYS A 174 -8.89 0.76 -14.28
CA CYS A 174 -9.13 1.36 -12.94
C CYS A 174 -9.53 0.37 -11.83
N VAL A 175 -9.37 -0.93 -12.03
CA VAL A 175 -9.73 -1.84 -10.92
C VAL A 175 -8.65 -1.64 -9.84
N PRO A 176 -9.05 -1.76 -8.57
CA PRO A 176 -8.09 -1.59 -7.49
C PRO A 176 -7.34 -2.88 -7.12
N ASN A 177 -6.71 -3.51 -8.12
CA ASN A 177 -5.90 -4.71 -7.91
C ASN A 177 -4.78 -4.56 -8.95
N SER A 178 -3.76 -5.43 -8.92
CA SER A 178 -2.63 -5.31 -9.84
C SER A 178 -2.88 -5.57 -11.33
N LYS A 179 -4.12 -5.82 -11.77
CA LYS A 179 -4.29 -6.03 -13.22
C LYS A 179 -4.24 -4.67 -13.92
N GLU A 180 -4.61 -3.64 -13.16
CA GLU A 180 -4.57 -2.27 -13.64
C GLU A 180 -3.11 -1.79 -13.69
N LYS A 181 -2.63 -1.54 -14.89
CA LYS A 181 -1.26 -1.14 -15.12
C LYS A 181 -0.69 -0.15 -14.11
N TYR A 182 -1.49 0.85 -13.74
CA TYR A 182 -1.03 1.86 -12.83
C TYR A 182 -1.51 1.71 -11.38
N TYR A 183 -1.78 0.48 -10.93
CA TYR A 183 -2.20 0.27 -9.55
C TYR A 183 -1.05 0.26 -8.51
N GLY A 184 -1.38 0.59 -7.27
CA GLY A 184 -0.41 0.56 -6.19
C GLY A 184 0.77 1.51 -6.25
N TYR A 185 1.71 1.30 -5.33
CA TYR A 185 2.92 2.09 -5.25
C TYR A 185 3.63 2.11 -6.60
N THR A 186 3.87 0.91 -7.14
CA THR A 186 4.56 0.71 -8.41
C THR A 186 3.81 1.20 -9.64
N GLY A 187 2.52 0.91 -9.70
CA GLY A 187 1.70 1.35 -10.83
C GLY A 187 1.60 2.87 -10.89
N ALA A 188 1.41 3.48 -9.73
CA ALA A 188 1.31 4.93 -9.65
C ALA A 188 2.60 5.58 -10.06
N PHE A 189 3.71 5.08 -9.52
CA PHE A 189 5.00 5.64 -9.86
C PHE A 189 5.27 5.52 -11.35
N ARG A 190 4.85 4.40 -11.91
CA ARG A 190 5.02 4.13 -13.35
C ARG A 190 4.18 5.11 -14.14
N CYS A 191 2.99 5.40 -13.63
CA CYS A 191 2.07 6.35 -14.28
C CYS A 191 2.76 7.71 -14.44
N LEU A 192 3.61 8.04 -13.48
CA LEU A 192 4.36 9.29 -13.53
C LEU A 192 5.59 9.14 -14.45
N ALA A 193 6.28 8.01 -14.29
CA ALA A 193 7.45 7.71 -15.09
C ALA A 193 7.14 7.78 -16.59
N GLU A 194 5.96 7.30 -17.00
CA GLU A 194 5.61 7.34 -18.42
C GLU A 194 4.98 8.67 -18.84
N ASP A 195 4.92 9.61 -17.90
CA ASP A 195 4.37 10.92 -18.13
C ASP A 195 2.88 10.94 -18.40
N VAL A 196 2.17 9.90 -17.97
CA VAL A 196 0.74 9.88 -18.13
C VAL A 196 0.25 10.91 -17.10
N GLY A 197 0.92 10.91 -15.95
CA GLY A 197 0.60 11.84 -14.89
C GLY A 197 1.72 12.85 -14.63
N ASP A 198 1.36 13.91 -13.91
CA ASP A 198 2.30 14.96 -13.55
C ASP A 198 2.85 14.72 -12.13
N VAL A 199 2.06 14.01 -11.30
CA VAL A 199 2.47 13.71 -9.93
C VAL A 199 1.93 12.36 -9.45
N ALA A 200 2.76 11.66 -8.68
CA ALA A 200 2.40 10.36 -8.15
C ALA A 200 2.45 10.37 -6.62
N PHE A 201 1.41 9.85 -5.98
CA PHE A 201 1.38 9.80 -4.53
C PHE A 201 1.71 8.39 -4.08
N VAL A 202 2.97 8.21 -3.69
CA VAL A 202 3.46 6.93 -3.25
C VAL A 202 4.28 7.20 -2.00
N LYS A 203 5.08 6.24 -1.57
CA LYS A 203 5.90 6.44 -0.38
C LYS A 203 7.34 6.59 -0.82
N ASN A 204 8.15 7.10 0.09
CA ASN A 204 9.58 7.30 -0.18
C ASN A 204 10.28 6.10 -0.81
N ASP A 205 10.06 4.91 -0.27
CA ASP A 205 10.78 3.72 -0.73
C ASP A 205 10.51 3.34 -2.20
N THR A 206 9.31 3.65 -2.67
CA THR A 206 8.94 3.33 -4.06
C THR A 206 9.82 4.02 -5.11
N VAL A 207 10.18 5.26 -4.84
CA VAL A 207 11.01 6.00 -5.76
C VAL A 207 12.39 5.35 -5.85
N TRP A 208 12.93 4.94 -4.70
CA TRP A 208 14.23 4.29 -4.68
C TRP A 208 14.25 2.89 -5.27
N GLU A 209 13.18 2.15 -5.06
CA GLU A 209 13.14 0.78 -5.55
C GLU A 209 12.92 0.59 -7.05
N ASN A 210 12.49 1.64 -7.73
CA ASN A 210 12.25 1.58 -9.17
C ASN A 210 13.07 2.58 -9.97
N THR A 211 14.23 2.93 -9.44
CA THR A 211 15.14 3.87 -10.10
C THR A 211 16.57 3.38 -9.96
N ASN A 212 17.47 4.00 -10.72
CA ASN A 212 18.89 3.65 -10.68
C ASN A 212 19.18 2.15 -10.68
N GLY A 213 18.48 1.41 -11.54
CA GLY A 213 18.70 -0.03 -11.63
C GLY A 213 18.12 -0.89 -10.53
N GLU A 214 17.41 -0.29 -9.57
CA GLU A 214 16.84 -1.10 -8.50
C GLU A 214 15.74 -2.02 -9.04
N SER A 215 15.19 -1.67 -10.20
CA SER A 215 14.15 -2.45 -10.85
C SER A 215 14.53 -2.64 -12.32
N THR A 216 14.52 -3.87 -12.79
CA THR A 216 14.87 -4.14 -14.16
C THR A 216 13.66 -4.25 -15.05
N ALA A 217 12.48 -3.99 -14.50
CA ALA A 217 11.25 -4.03 -15.29
C ALA A 217 11.46 -3.09 -16.47
N ASP A 218 10.84 -3.37 -17.61
CA ASP A 218 11.00 -2.54 -18.79
C ASP A 218 10.72 -1.04 -18.64
N TRP A 219 9.61 -0.68 -18.00
CA TRP A 219 9.29 0.74 -17.83
C TRP A 219 10.19 1.43 -16.80
N ALA A 220 10.79 0.65 -15.92
CA ALA A 220 11.64 1.24 -14.88
C ALA A 220 13.15 1.05 -15.02
N LYS A 221 13.59 0.01 -15.74
CA LYS A 221 15.01 -0.25 -15.92
C LYS A 221 15.86 0.99 -16.25
N ASN A 222 15.27 1.97 -16.95
CA ASN A 222 16.01 3.16 -17.37
C ASN A 222 15.71 4.48 -16.65
N LEU A 223 14.99 4.40 -15.54
CA LEU A 223 14.66 5.61 -14.78
C LEU A 223 15.81 6.05 -13.84
N LYS A 224 16.00 7.36 -13.73
CA LYS A 224 17.05 7.94 -12.88
C LYS A 224 16.41 8.83 -11.81
N ARG A 225 16.86 8.68 -10.57
CA ARG A 225 16.33 9.45 -9.46
C ARG A 225 16.47 10.96 -9.63
N GLU A 226 17.58 11.37 -10.23
CA GLU A 226 17.83 12.79 -10.46
C GLU A 226 16.75 13.45 -11.29
N ASP A 227 16.07 12.65 -12.10
CA ASP A 227 15.00 13.14 -12.94
C ASP A 227 13.70 13.30 -12.20
N PHE A 228 13.71 13.00 -10.92
CA PHE A 228 12.49 13.12 -10.10
C PHE A 228 12.72 14.06 -8.92
N ARG A 229 11.62 14.65 -8.44
CA ARG A 229 11.68 15.56 -7.31
C ARG A 229 10.51 15.32 -6.38
N LEU A 230 10.73 15.57 -5.10
CA LEU A 230 9.68 15.40 -4.11
C LEU A 230 9.06 16.79 -3.88
N LEU A 231 7.76 16.84 -3.65
CA LEU A 231 7.10 18.12 -3.39
C LEU A 231 6.88 18.22 -1.88
N CYS A 232 7.57 19.15 -1.25
CA CYS A 232 7.44 19.35 0.18
C CYS A 232 6.20 20.23 0.38
N LEU A 233 5.63 20.20 1.59
CA LEU A 233 4.43 20.97 1.88
C LEU A 233 4.63 22.48 1.97
N ASP A 234 5.88 22.93 2.08
CA ASP A 234 6.16 24.36 2.15
C ASP A 234 6.31 24.98 0.77
N GLY A 235 6.02 24.21 -0.27
CA GLY A 235 6.12 24.72 -1.62
C GLY A 235 7.43 24.45 -2.33
N THR A 236 8.42 23.88 -1.67
CA THR A 236 9.71 23.65 -2.28
C THR A 236 9.78 22.31 -2.98
N ARG A 237 10.83 22.09 -3.76
CA ARG A 237 11.03 20.82 -4.45
C ARG A 237 12.37 20.33 -3.97
N LYS A 238 12.47 19.08 -3.53
CA LYS A 238 13.74 18.56 -3.06
C LYS A 238 14.08 17.27 -3.74
N PRO A 239 15.37 16.90 -3.71
CA PRO A 239 15.80 15.64 -4.32
C PRO A 239 15.18 14.50 -3.53
N VAL A 240 15.02 13.36 -4.16
CA VAL A 240 14.41 12.24 -3.48
C VAL A 240 15.26 11.72 -2.31
N THR A 241 16.39 12.37 -2.02
CA THR A 241 17.25 11.94 -0.92
C THR A 241 16.85 12.63 0.37
N GLU A 242 15.98 13.63 0.25
CA GLU A 242 15.52 14.41 1.41
C GLU A 242 14.10 14.11 1.87
N ALA A 243 13.62 12.90 1.63
CA ALA A 243 12.26 12.59 2.05
C ALA A 243 12.02 12.84 3.54
N GLN A 244 13.06 12.63 4.36
CA GLN A 244 12.95 12.82 5.80
C GLN A 244 12.51 14.24 6.18
N SER A 245 12.76 15.20 5.30
CA SER A 245 12.41 16.59 5.55
C SER A 245 11.49 17.12 4.49
N CYS A 246 10.99 16.25 3.62
CA CYS A 246 10.09 16.64 2.53
C CYS A 246 9.08 15.51 2.25
N HIS A 247 8.16 15.31 3.18
CA HIS A 247 7.15 14.26 3.05
C HIS A 247 5.80 14.78 3.50
N LEU A 248 4.75 14.12 3.05
CA LEU A 248 3.41 14.54 3.41
C LEU A 248 3.04 14.03 4.80
N ALA A 249 3.62 12.91 5.20
CA ALA A 249 3.35 12.33 6.52
C ALA A 249 4.14 11.06 6.73
N VAL A 250 4.08 10.54 7.95
CA VAL A 250 4.72 9.27 8.29
C VAL A 250 3.51 8.34 8.43
N ALA A 251 3.51 7.23 7.69
CA ALA A 251 2.38 6.31 7.72
C ALA A 251 2.67 5.03 8.47
N PRO A 252 1.66 4.52 9.19
CA PRO A 252 1.85 3.27 9.93
C PRO A 252 2.07 2.17 8.89
N ASN A 253 2.88 1.21 9.23
CA ASN A 253 3.21 0.14 8.35
C ASN A 253 2.02 -0.65 7.94
N HIS A 254 2.06 -1.25 6.79
CA HIS A 254 0.94 -2.09 6.37
C HIS A 254 0.97 -3.17 7.41
N ALA A 255 -0.17 -3.81 7.65
CA ALA A 255 -0.21 -4.85 8.65
C ALA A 255 -1.29 -5.85 8.32
N VAL A 256 -1.20 -7.02 8.94
CA VAL A 256 -2.15 -8.12 8.77
C VAL A 256 -3.31 -7.92 9.73
N VAL A 257 -4.53 -8.15 9.26
CA VAL A 257 -5.68 -8.04 10.12
C VAL A 257 -6.46 -9.33 10.00
N SER A 258 -7.16 -9.70 11.06
CA SER A 258 -7.95 -10.93 11.08
C SER A 258 -9.06 -10.70 12.09
N ARG A 259 -9.96 -11.67 12.22
CA ARG A 259 -11.01 -11.55 13.22
C ARG A 259 -10.25 -11.75 14.54
N SER A 260 -10.85 -11.41 15.64
CA SER A 260 -10.29 -11.63 16.94
C SER A 260 -10.13 -13.07 17.34
N ASP A 261 -11.13 -13.87 17.08
CA ASP A 261 -11.10 -15.22 17.51
C ASP A 261 -10.18 -16.04 16.68
N ARG A 262 -9.64 -15.47 15.63
CA ARG A 262 -8.68 -16.15 14.74
C ARG A 262 -7.26 -15.53 14.81
N ALA A 263 -7.22 -14.36 15.44
CA ALA A 263 -6.00 -13.59 15.59
C ALA A 263 -4.79 -14.31 16.19
N ALA A 264 -4.99 -15.11 17.24
CA ALA A 264 -3.89 -15.83 17.87
C ALA A 264 -3.33 -16.90 16.95
N HIS A 265 -4.22 -17.68 16.35
CA HIS A 265 -3.81 -18.74 15.44
C HIS A 265 -3.14 -18.16 14.24
N VAL A 266 -3.78 -17.16 13.64
CA VAL A 266 -3.21 -16.49 12.46
C VAL A 266 -1.84 -15.92 12.75
N GLU A 267 -1.63 -15.51 13.97
CA GLU A 267 -0.36 -15.05 14.40
C GLU A 267 0.67 -16.15 14.52
N GLN A 268 0.29 -17.23 15.14
CA GLN A 268 1.15 -18.39 15.27
C GLN A 268 1.57 -18.93 13.91
N VAL A 269 0.62 -19.14 13.04
CA VAL A 269 0.89 -19.57 11.71
C VAL A 269 1.90 -18.68 10.98
N LEU A 270 1.66 -17.39 10.94
CA LEU A 270 2.49 -16.42 10.21
C LEU A 270 3.89 -16.33 10.79
N LEU A 271 3.99 -16.46 12.11
CA LEU A 271 5.31 -16.42 12.71
C LEU A 271 6.09 -17.63 12.21
N HIS A 272 5.41 -18.76 12.12
CA HIS A 272 6.03 -19.99 11.64
C HIS A 272 6.28 -19.89 10.14
N GLN A 273 5.27 -19.48 9.41
CA GLN A 273 5.35 -19.36 7.96
C GLN A 273 6.51 -18.51 7.46
N GLN A 274 6.73 -17.36 8.09
CA GLN A 274 7.84 -16.47 7.68
C GLN A 274 9.18 -17.04 8.12
N ALA A 275 9.18 -17.93 9.10
CA ALA A 275 10.44 -18.52 9.52
C ALA A 275 10.89 -19.38 8.34
N LEU A 276 9.92 -19.94 7.64
CA LEU A 276 10.16 -20.80 6.48
C LEU A 276 10.38 -20.02 5.18
N PHE A 277 9.49 -19.08 4.89
CA PHE A 277 9.56 -18.31 3.64
C PHE A 277 9.89 -16.82 3.78
N GLY A 278 10.13 -16.38 5.00
CA GLY A 278 10.44 -14.98 5.26
C GLY A 278 11.74 -14.55 4.60
N LYS A 279 12.35 -13.51 5.14
CA LYS A 279 13.60 -12.98 4.61
C LYS A 279 14.67 -14.07 4.54
N ASN A 280 15.22 -14.42 5.69
CA ASN A 280 16.26 -15.45 5.77
C ASN A 280 15.54 -16.78 5.98
N GLY A 281 14.25 -16.77 5.68
CA GLY A 281 13.44 -17.96 5.86
C GLY A 281 14.21 -19.17 5.41
N LYS A 282 14.00 -20.30 6.09
CA LYS A 282 14.72 -21.50 5.75
C LYS A 282 14.47 -22.00 4.33
N ASN A 283 13.42 -21.52 3.67
CA ASN A 283 13.15 -22.00 2.31
C ASN A 283 13.03 -20.93 1.23
N CYS A 284 13.57 -19.76 1.51
CA CYS A 284 13.59 -18.67 0.54
C CYS A 284 15.09 -18.31 0.47
N PRO A 285 15.63 -18.10 -0.74
CA PRO A 285 14.99 -18.13 -2.05
C PRO A 285 14.78 -19.56 -2.62
N ASP A 286 15.29 -20.58 -1.95
CA ASP A 286 15.15 -21.95 -2.44
C ASP A 286 13.80 -22.31 -3.08
N LYS A 287 12.78 -22.53 -2.25
CA LYS A 287 11.45 -22.92 -2.75
C LYS A 287 10.48 -21.77 -2.95
N PHE A 288 10.33 -20.91 -1.94
CA PHE A 288 9.39 -19.83 -2.08
C PHE A 288 9.69 -18.66 -1.15
N CYS A 289 9.57 -17.45 -1.69
CA CYS A 289 9.82 -16.26 -0.88
C CYS A 289 8.52 -15.50 -0.70
N LEU A 290 8.08 -15.44 0.55
CA LEU A 290 6.84 -14.79 0.90
C LEU A 290 6.81 -13.29 0.65
N PHE A 291 7.99 -12.66 0.67
CA PHE A 291 8.06 -11.22 0.51
C PHE A 291 8.65 -10.74 -0.82
N LYS A 292 8.53 -11.56 -1.86
CA LYS A 292 9.02 -11.21 -3.19
C LYS A 292 7.97 -11.49 -4.26
N SER A 293 7.95 -10.68 -5.30
CA SER A 293 6.98 -10.86 -6.38
C SER A 293 7.37 -9.98 -7.55
N GLU A 294 8.62 -10.07 -7.97
CA GLU A 294 9.15 -9.27 -9.07
C GLU A 294 8.71 -7.82 -8.95
N THR A 295 8.86 -7.29 -7.74
CA THR A 295 8.53 -5.92 -7.40
C THR A 295 7.06 -5.50 -7.52
N LYS A 296 6.19 -6.44 -7.82
CA LYS A 296 4.79 -6.11 -7.95
C LYS A 296 4.10 -5.95 -6.60
N ASN A 297 4.82 -6.30 -5.53
CA ASN A 297 4.29 -6.23 -4.16
C ASN A 297 3.03 -7.02 -3.93
N LEU A 298 3.03 -8.30 -4.33
CA LEU A 298 1.82 -9.12 -4.15
C LEU A 298 1.75 -9.72 -2.76
N LEU A 299 0.62 -9.50 -2.10
CA LEU A 299 0.34 -9.99 -0.74
C LEU A 299 1.06 -9.15 0.33
N PHE A 300 2.35 -8.95 0.15
CA PHE A 300 3.16 -8.16 1.08
C PHE A 300 4.03 -7.22 0.25
N ASN A 301 4.50 -6.13 0.84
CA ASN A 301 5.41 -5.25 0.13
C ASN A 301 6.75 -5.99 -0.04
N ASP A 302 7.36 -5.81 -1.20
CA ASP A 302 8.62 -6.45 -1.52
C ASP A 302 9.80 -6.09 -0.63
N ASN A 303 9.72 -4.99 0.10
CA ASN A 303 10.81 -4.61 0.99
C ASN A 303 10.63 -5.01 2.44
N THR A 304 9.69 -5.92 2.67
CA THR A 304 9.40 -6.38 4.01
C THR A 304 10.47 -7.35 4.48
N GLU A 305 10.98 -7.12 5.68
CA GLU A 305 12.00 -7.99 6.27
C GLU A 305 11.31 -9.09 7.06
N CYS A 306 10.29 -8.70 7.80
CA CYS A 306 9.55 -9.63 8.63
C CYS A 306 8.23 -8.99 9.09
N LEU A 307 7.37 -9.83 9.65
CA LEU A 307 6.10 -9.36 10.21
C LEU A 307 6.43 -9.28 11.71
N ALA A 308 6.25 -8.11 12.31
CA ALA A 308 6.63 -7.96 13.72
C ALA A 308 5.52 -7.96 14.75
N LYS A 309 5.77 -8.63 15.87
CA LYS A 309 4.80 -8.66 16.95
C LYS A 309 4.50 -7.22 17.33
N LEU A 310 3.26 -6.96 17.73
CA LEU A 310 2.86 -5.62 18.13
C LEU A 310 2.92 -5.47 19.66
N GLY A 311 3.46 -4.36 20.14
CA GLY A 311 3.55 -4.08 21.56
C GLY A 311 2.20 -3.54 22.04
N GLY A 312 1.80 -3.90 23.24
CA GLY A 312 0.54 -3.42 23.77
C GLY A 312 -0.75 -4.01 23.23
N ARG A 313 -0.74 -5.16 22.56
CA ARG A 313 -2.03 -5.67 22.06
C ARG A 313 -2.88 -4.48 21.59
N PRO A 314 -2.42 -3.77 20.55
CA PRO A 314 -3.11 -2.62 20.00
C PRO A 314 -4.40 -2.82 19.19
N THR A 315 -5.41 -2.01 19.49
CA THR A 315 -6.67 -1.98 18.76
C THR A 315 -6.26 -1.31 17.44
N TYR A 316 -7.14 -1.33 16.46
CA TYR A 316 -6.75 -0.74 15.19
C TYR A 316 -6.50 0.74 15.31
N GLU A 317 -7.14 1.36 16.28
CA GLU A 317 -6.97 2.79 16.48
C GLU A 317 -5.61 3.04 17.12
N GLU A 318 -5.24 2.21 18.08
CA GLU A 318 -3.93 2.37 18.71
C GLU A 318 -2.84 2.08 17.71
N TYR A 319 -3.09 1.16 16.80
CA TYR A 319 -2.08 0.83 15.80
C TYR A 319 -1.88 1.99 14.82
N LEU A 320 -3.00 2.49 14.27
CA LEU A 320 -2.96 3.57 13.30
C LEU A 320 -2.64 4.93 13.90
N GLY A 321 -2.91 5.10 15.18
CA GLY A 321 -2.64 6.38 15.80
C GLY A 321 -3.81 7.33 15.69
N THR A 322 -4.20 7.84 16.84
CA THR A 322 -5.32 8.74 16.91
C THR A 322 -5.32 9.84 15.86
N GLU A 323 -4.13 10.33 15.52
CA GLU A 323 -4.01 11.40 14.53
C GLU A 323 -4.43 10.96 13.13
N TYR A 324 -3.84 9.87 12.65
CA TYR A 324 -4.17 9.34 11.34
C TYR A 324 -5.63 8.97 11.31
N VAL A 325 -6.10 8.28 12.35
CA VAL A 325 -7.50 7.87 12.41
C VAL A 325 -8.43 9.06 12.24
N THR A 326 -8.07 10.17 12.87
CA THR A 326 -8.87 11.39 12.79
C THR A 326 -8.80 12.00 11.40
N ALA A 327 -7.61 11.93 10.79
CA ALA A 327 -7.44 12.45 9.46
C ALA A 327 -8.34 11.71 8.48
N ILE A 328 -8.40 10.40 8.63
CA ILE A 328 -9.23 9.58 7.77
C ILE A 328 -10.68 9.92 8.00
N ALA A 329 -11.10 9.85 9.26
CA ALA A 329 -12.47 10.16 9.65
C ALA A 329 -12.90 11.45 8.97
N ASN A 330 -12.02 12.44 9.05
CA ASN A 330 -12.27 13.75 8.45
C ASN A 330 -12.38 13.76 6.93
N LEU A 331 -11.52 13.00 6.26
CA LEU A 331 -11.55 12.94 4.81
C LEU A 331 -12.81 12.21 4.35
N LYS A 332 -13.15 11.13 5.06
CA LYS A 332 -14.32 10.33 4.71
C LYS A 332 -15.62 11.10 4.87
N LYS A 333 -15.58 12.21 5.60
CA LYS A 333 -16.78 13.02 5.79
C LYS A 333 -17.18 13.65 4.46
N CYS A 334 -16.29 13.55 3.49
CA CYS A 334 -16.45 14.09 2.14
C CYS A 334 -17.29 13.26 1.12
N SER A 335 -17.33 11.93 1.24
CA SER A 335 -18.10 11.09 0.30
C SER A 335 -18.89 9.97 0.97
N LEU B 1 -16.76 8.84 12.12
CA LEU B 1 -16.87 8.04 13.37
C LEU B 1 -17.27 6.59 13.08
N GLU B 2 -17.77 5.87 14.08
CA GLU B 2 -18.09 4.43 13.96
C GLU B 2 -19.22 3.93 13.06
N ALA B 3 -19.16 2.62 12.81
CA ALA B 3 -20.10 1.85 11.97
C ALA B 3 -19.33 1.22 10.83
N CYS B 4 -19.43 -0.10 10.71
CA CYS B 4 -18.74 -0.80 9.64
C CYS B 4 -19.35 -0.55 8.26
N ALA B 5 -18.50 -0.20 7.29
CA ALA B 5 -18.93 0.10 5.91
C ALA B 5 -19.57 -1.04 5.15
N PHE B 6 -19.73 -2.18 5.80
CA PHE B 6 -20.34 -3.30 5.14
C PHE B 6 -21.41 -3.79 6.08
#